data_2YYZ
#
_entry.id   2YYZ
#
_cell.length_a   45.063
_cell.length_b   86.774
_cell.length_c   105.681
_cell.angle_alpha   90.00
_cell.angle_beta   90.00
_cell.angle_gamma   90.00
#
_symmetry.space_group_name_H-M   'P 21 21 21'
#
loop_
_entity.id
_entity.type
_entity.pdbx_description
1 polymer 'Sugar ABC transporter, ATP-binding protein'
2 non-polymer 'SULFATE ION'
3 non-polymer DI(HYDROXYETHYL)ETHER
4 water water
#
_entity_poly.entity_id   1
_entity_poly.type   'polypeptide(L)'
_entity_poly.pdbx_seq_one_letter_code
;MPSIRVVNLKKYFGKVKAVDGVSFEVKDGEFVALLGPSGCGKTTTLLMLAGIYKPTSGEIYFDDVLVNDIPPKYREVGMV
FQNYALYPHMTVFENIAFPLRARRISKDEVEKRVVEIARKLLIDNLLDRKPTQLSGGQQQRVALARALVKQPKVLLFDEP
LSNLDANLRMIMRAEIKHLQQELGITSVYVTHDQAEAMTMASRIAVFNQGKLVQYGTPDEVYDSPKNMFVASFIGNPPTN
FLRDFSVSVENKQTILKRDDVIIKLPEPVDVKLKEVVVGIRPEHCRISRERVENSIPGVVYVVEPLGRDIIVNVKTEKGE
IIKVFGDTGKAPQPGENVFLVPDLRKIHLFNPETEETIL
;
_entity_poly.pdbx_strand_id   A
#
loop_
_chem_comp.id
_chem_comp.type
_chem_comp.name
_chem_comp.formula
PEG non-polymer DI(HYDROXYETHYL)ETHER 'C4 H10 O3'
SO4 non-polymer 'SULFATE ION' 'O4 S -2'
#
# COMPACT_ATOMS: atom_id res chain seq x y z
N PRO A 2 -3.73 -22.14 2.87
CA PRO A 2 -4.59 -22.24 1.71
C PRO A 2 -4.52 -21.03 0.77
N SER A 3 -4.84 -21.26 -0.50
CA SER A 3 -5.23 -20.19 -1.38
C SER A 3 -6.54 -19.52 -0.90
N ILE A 4 -6.75 -18.29 -1.34
CA ILE A 4 -8.01 -17.60 -1.07
C ILE A 4 -8.46 -17.05 -2.41
N ARG A 5 -9.68 -17.40 -2.82
CA ARG A 5 -10.26 -16.81 -4.03
C ARG A 5 -11.56 -16.12 -3.64
N VAL A 6 -11.71 -14.85 -4.02
CA VAL A 6 -13.02 -14.18 -3.87
C VAL A 6 -13.62 -13.89 -5.23
N VAL A 7 -14.95 -14.01 -5.32
CA VAL A 7 -15.62 -13.93 -6.61
C VAL A 7 -16.89 -13.08 -6.50
N ASN A 8 -16.92 -11.98 -7.25
CA ASN A 8 -18.01 -11.00 -7.26
C ASN A 8 -18.49 -10.63 -5.86
N LEU A 9 -17.54 -10.43 -4.94
CA LEU A 9 -17.86 -10.25 -3.53
C LEU A 9 -18.49 -8.89 -3.31
N LYS A 10 -19.61 -8.88 -2.57
CA LYS A 10 -20.29 -7.64 -2.16
C LYS A 10 -20.64 -7.62 -0.67
N LYS A 11 -20.65 -6.42 -0.11
CA LYS A 11 -21.16 -6.21 1.24
C LYS A 11 -21.80 -4.84 1.23
N TYR A 12 -23.12 -4.84 1.41
CA TYR A 12 -23.90 -3.62 1.50
C TYR A 12 -24.29 -3.39 2.97
N PHE A 13 -24.30 -2.12 3.41
CA PHE A 13 -24.92 -1.73 4.70
C PHE A 13 -26.06 -0.77 4.37
N GLY A 14 -27.27 -1.32 4.27
CA GLY A 14 -28.37 -0.54 3.72
C GLY A 14 -28.01 -0.02 2.34
N LYS A 15 -28.06 1.29 2.17
CA LYS A 15 -27.78 1.95 0.89
C LYS A 15 -26.28 2.02 0.56
N VAL A 16 -25.44 1.80 1.57
CA VAL A 16 -23.99 1.91 1.42
C VAL A 16 -23.37 0.66 0.78
N LYS A 17 -22.88 0.85 -0.44
CA LYS A 17 -22.27 -0.24 -1.20
C LYS A 17 -20.79 -0.27 -0.86
N ALA A 18 -20.48 -0.72 0.36
CA ALA A 18 -19.14 -0.65 0.91
C ALA A 18 -18.20 -1.46 0.05
N VAL A 19 -18.59 -2.69 -0.26
CA VAL A 19 -17.86 -3.53 -1.18
C VAL A 19 -18.83 -3.89 -2.30
N ASP A 20 -18.51 -3.47 -3.52
CA ASP A 20 -19.45 -3.59 -4.62
C ASP A 20 -19.00 -4.49 -5.79
N GLY A 21 -18.57 -5.70 -5.50
CA GLY A 21 -18.29 -6.68 -6.56
C GLY A 21 -16.81 -6.74 -6.88
N VAL A 22 -16.09 -7.51 -6.09
CA VAL A 22 -14.64 -7.61 -6.25
C VAL A 22 -14.24 -9.05 -6.40
N SER A 23 -13.27 -9.26 -7.27
CA SER A 23 -12.75 -10.60 -7.56
C SER A 23 -11.23 -10.60 -7.55
N PHE A 24 -10.64 -11.50 -6.77
CA PHE A 24 -9.19 -11.70 -6.77
C PHE A 24 -8.86 -13.01 -6.14
N GLU A 25 -7.63 -13.48 -6.37
CA GLU A 25 -7.12 -14.66 -5.72
C GLU A 25 -5.76 -14.42 -5.07
N VAL A 26 -5.55 -15.13 -3.97
CA VAL A 26 -4.32 -15.07 -3.19
C VAL A 26 -3.78 -16.50 -3.24
N LYS A 27 -2.52 -16.65 -3.61
CA LYS A 27 -1.88 -17.97 -3.62
C LYS A 27 -1.63 -18.42 -2.18
N ASP A 28 -1.55 -19.73 -1.98
CA ASP A 28 -1.21 -20.27 -0.67
C ASP A 28 0.20 -19.75 -0.33
N GLY A 29 0.35 -19.12 0.83
CA GLY A 29 1.63 -18.60 1.31
C GLY A 29 1.99 -17.19 0.86
N GLU A 30 1.18 -16.63 -0.03
CA GLU A 30 1.40 -15.27 -0.56
C GLU A 30 1.02 -14.19 0.47
N PHE A 31 1.69 -13.05 0.38
CA PHE A 31 1.38 -11.86 1.18
C PHE A 31 0.72 -10.87 0.24
N VAL A 32 -0.55 -10.54 0.49
CA VAL A 32 -1.30 -9.63 -0.37
C VAL A 32 -1.83 -8.47 0.46
N ALA A 33 -1.64 -7.25 -0.05
CA ALA A 33 -2.13 -6.05 0.59
C ALA A 33 -3.45 -5.58 -0.05
N LEU A 34 -4.39 -5.17 0.80
CA LEU A 34 -5.59 -4.48 0.36
C LEU A 34 -5.36 -3.02 0.66
N LEU A 35 -5.24 -2.21 -0.38
CA LEU A 35 -4.81 -0.82 -0.22
C LEU A 35 -5.82 0.16 -0.78
N GLY A 36 -6.02 1.25 -0.05
CA GLY A 36 -6.83 2.35 -0.57
C GLY A 36 -7.17 3.36 0.50
N PRO A 37 -7.81 4.48 0.12
CA PRO A 37 -8.15 5.50 1.13
C PRO A 37 -9.23 5.04 2.10
N SER A 38 -9.46 5.80 3.17
CA SER A 38 -10.58 5.51 4.07
C SER A 38 -11.91 5.49 3.27
N GLY A 39 -12.76 4.50 3.55
CA GLY A 39 -14.04 4.39 2.87
C GLY A 39 -14.02 3.60 1.56
N CYS A 40 -12.86 3.02 1.24
CA CYS A 40 -12.71 2.26 0.00
C CYS A 40 -13.25 0.82 0.03
N GLY A 41 -13.49 0.29 1.22
CA GLY A 41 -14.05 -1.06 1.38
C GLY A 41 -13.05 -2.15 1.72
N LYS A 42 -11.78 -1.80 1.79
CA LYS A 42 -10.72 -2.76 2.15
C LYS A 42 -10.92 -3.47 3.48
N THR A 43 -11.31 -2.74 4.53
CA THR A 43 -11.50 -3.34 5.84
C THR A 43 -12.69 -4.29 5.85
N THR A 44 -13.80 -3.87 5.24
CA THR A 44 -14.99 -4.73 5.14
C THR A 44 -14.65 -6.01 4.41
N THR A 45 -13.78 -5.90 3.38
CA THR A 45 -13.35 -7.06 2.61
C THR A 45 -12.57 -8.00 3.54
N LEU A 46 -11.65 -7.43 4.31
CA LEU A 46 -10.85 -8.25 5.22
C LEU A 46 -11.74 -8.99 6.23
N LEU A 47 -12.74 -8.30 6.75
CA LEU A 47 -13.65 -8.88 7.73
C LEU A 47 -14.54 -9.98 7.14
N MET A 48 -14.83 -9.90 5.84
CA MET A 48 -15.53 -10.99 5.12
C MET A 48 -14.64 -12.20 4.99
N LEU A 49 -13.36 -11.97 4.70
CA LEU A 49 -12.40 -13.07 4.65
C LEU A 49 -12.28 -13.74 6.02
N ALA A 50 -12.34 -12.95 7.09
CA ALA A 50 -12.31 -13.47 8.47
C ALA A 50 -13.56 -14.26 8.81
N GLY A 51 -14.65 -13.94 8.14
CA GLY A 51 -15.96 -14.53 8.42
C GLY A 51 -16.74 -13.75 9.44
N ILE A 52 -16.26 -12.55 9.79
CA ILE A 52 -16.93 -11.69 10.76
C ILE A 52 -18.14 -10.98 10.12
N TYR A 53 -18.03 -10.69 8.82
CA TYR A 53 -19.19 -10.30 7.99
C TYR A 53 -19.57 -11.45 7.05
N LYS A 54 -20.86 -11.79 7.00
CA LYS A 54 -21.38 -12.60 5.89
C LYS A 54 -21.46 -11.72 4.64
N PRO A 55 -21.01 -12.23 3.48
CA PRO A 55 -21.20 -11.39 2.29
C PRO A 55 -22.68 -11.11 1.95
N THR A 56 -22.95 -9.95 1.35
CA THR A 56 -24.25 -9.63 0.73
C THR A 56 -24.42 -10.53 -0.49
N SER A 57 -23.33 -10.72 -1.24
CA SER A 57 -23.31 -11.77 -2.27
C SER A 57 -21.90 -12.06 -2.74
N GLY A 58 -21.77 -13.12 -3.53
CA GLY A 58 -20.47 -13.55 -4.04
C GLY A 58 -19.93 -14.64 -3.17
N GLU A 59 -18.72 -15.10 -3.49
CA GLU A 59 -18.18 -16.28 -2.83
C GLU A 59 -16.76 -16.08 -2.35
N ILE A 60 -16.43 -16.79 -1.27
CA ILE A 60 -15.08 -16.86 -0.71
C ILE A 60 -14.74 -18.32 -0.57
N TYR A 61 -13.61 -18.70 -1.17
CA TYR A 61 -13.06 -20.04 -1.08
C TYR A 61 -11.72 -20.02 -0.39
N PHE A 62 -11.49 -20.98 0.51
CA PHE A 62 -10.16 -21.31 1.05
C PHE A 62 -9.84 -22.66 0.44
N ASP A 63 -8.77 -22.70 -0.36
CA ASP A 63 -8.48 -23.85 -1.20
C ASP A 63 -9.73 -24.17 -2.05
N ASP A 64 -10.18 -25.41 -2.04
CA ASP A 64 -11.30 -25.83 -2.90
C ASP A 64 -12.66 -25.30 -2.40
N VAL A 65 -12.70 -24.89 -1.14
CA VAL A 65 -13.91 -24.91 -0.32
C VAL A 65 -14.60 -23.55 -0.10
N LEU A 66 -15.90 -23.51 -0.35
CA LEU A 66 -16.71 -22.33 -0.09
C LEU A 66 -16.86 -22.11 1.40
N VAL A 67 -16.37 -20.98 1.91
CA VAL A 67 -16.34 -20.78 3.37
C VAL A 67 -17.26 -19.67 3.86
N ASN A 68 -18.10 -19.13 2.97
CA ASN A 68 -19.02 -18.04 3.30
C ASN A 68 -19.69 -18.24 4.66
N ASP A 69 -20.20 -19.45 4.87
CA ASP A 69 -21.02 -19.74 6.02
C ASP A 69 -20.21 -20.36 7.14
N ILE A 70 -18.90 -20.45 6.96
CA ILE A 70 -18.05 -21.03 8.00
C ILE A 70 -17.66 -19.96 9.02
N PRO A 71 -17.99 -20.18 10.31
CA PRO A 71 -17.63 -19.21 11.36
C PRO A 71 -16.13 -18.98 11.45
N PRO A 72 -15.71 -17.81 11.97
CA PRO A 72 -14.29 -17.42 12.03
C PRO A 72 -13.30 -18.45 12.62
N LYS A 73 -13.67 -19.15 13.69
CA LYS A 73 -12.74 -20.11 14.36
C LYS A 73 -12.50 -21.41 13.58
N TYR A 74 -13.47 -21.77 12.73
CA TYR A 74 -13.32 -22.95 11.92
C TYR A 74 -12.62 -22.61 10.60
N ARG A 75 -12.37 -21.32 10.38
CA ARG A 75 -11.61 -20.87 9.23
C ARG A 75 -10.11 -20.87 9.52
N GLU A 76 -9.77 -20.94 10.81
CA GLU A 76 -8.38 -20.95 11.28
C GLU A 76 -7.63 -19.67 10.88
N VAL A 77 -8.36 -18.56 10.99
CA VAL A 77 -7.83 -17.21 10.71
CA VAL A 77 -7.86 -17.23 10.70
C VAL A 77 -7.28 -16.62 11.99
N GLY A 78 -6.14 -15.95 11.86
CA GLY A 78 -5.59 -15.19 12.97
C GLY A 78 -5.57 -13.72 12.63
N MET A 79 -6.19 -12.90 13.47
CA MET A 79 -6.31 -11.49 13.18
C MET A 79 -5.26 -10.67 13.91
N VAL A 80 -4.67 -9.68 13.23
CA VAL A 80 -3.63 -8.86 13.82
C VAL A 80 -4.06 -7.39 13.72
N PHE A 81 -4.21 -6.76 14.89
CA PHE A 81 -4.81 -5.44 15.02
C PHE A 81 -3.80 -4.31 15.25
N GLN A 82 -4.29 -3.08 15.12
CA GLN A 82 -3.56 -1.82 15.33
C GLN A 82 -3.14 -1.63 16.78
N ASN A 83 -3.95 -2.15 17.70
CA ASN A 83 -3.59 -2.12 19.13
C ASN A 83 -3.21 -3.50 19.62
N TYR A 84 -2.11 -3.57 20.36
CA TYR A 84 -1.53 -4.86 20.79
C TYR A 84 -2.35 -5.60 21.82
N ALA A 85 -3.20 -4.85 22.53
CA ALA A 85 -4.11 -5.44 23.51
C ALA A 85 -3.41 -6.35 24.54
N LEU A 86 -2.26 -5.90 25.04
CA LEU A 86 -1.48 -6.65 26.03
C LEU A 86 -1.95 -6.31 27.42
N TYR A 87 -1.84 -7.26 28.35
CA TYR A 87 -2.05 -7.02 29.77
C TYR A 87 -0.75 -6.65 30.46
N PRO A 88 -0.58 -5.37 30.84
CA PRO A 88 0.68 -4.99 31.52
C PRO A 88 0.90 -5.61 32.90
N HIS A 89 -0.10 -6.24 33.50
CA HIS A 89 0.10 -6.93 34.79
C HIS A 89 0.55 -8.38 34.59
N MET A 90 0.50 -8.84 33.34
CA MET A 90 0.95 -10.19 33.02
C MET A 90 2.33 -10.13 32.40
N THR A 91 3.06 -11.23 32.52
CA THR A 91 4.34 -11.30 31.84
C THR A 91 4.15 -11.56 30.35
N VAL A 92 5.24 -11.39 29.58
CA VAL A 92 5.22 -11.66 28.16
C VAL A 92 4.80 -13.11 27.90
N PHE A 93 5.40 -14.04 28.65
CA PHE A 93 5.00 -15.43 28.59
C PHE A 93 3.49 -15.61 28.77
N GLU A 94 2.96 -15.03 29.85
CA GLU A 94 1.52 -15.13 30.15
C GLU A 94 0.65 -14.43 29.09
N ASN A 95 1.18 -13.35 28.52
CA ASN A 95 0.48 -12.66 27.43
C ASN A 95 0.34 -13.54 26.17
N ILE A 96 1.43 -14.21 25.79
CA ILE A 96 1.43 -15.14 24.65
C ILE A 96 0.65 -16.44 24.94
N ALA A 97 0.74 -16.93 26.17
CA ALA A 97 0.05 -18.15 26.59
C ALA A 97 -1.45 -17.98 26.72
N PHE A 98 -1.88 -16.74 26.92
CA PHE A 98 -3.26 -16.36 27.22
C PHE A 98 -4.37 -17.05 26.38
N PRO A 99 -4.28 -17.01 25.04
CA PRO A 99 -5.30 -17.74 24.27
C PRO A 99 -5.31 -19.27 24.50
N LEU A 100 -4.25 -19.80 25.12
CA LEU A 100 -4.17 -21.22 25.46
C LEU A 100 -4.64 -21.55 26.89
N ARG A 101 -5.32 -20.59 27.52
CA ARG A 101 -6.07 -20.85 28.75
C ARG A 101 -7.42 -21.46 28.34
N ALA A 102 -7.91 -22.40 29.15
CA ALA A 102 -9.15 -23.17 28.92
C ALA A 102 -8.94 -24.46 28.12
N ARG A 103 -7.78 -24.56 27.46
CA ARG A 103 -7.37 -25.80 26.80
C ARG A 103 -6.88 -26.78 27.86
N ARG A 104 -5.79 -27.51 27.57
CA ARG A 104 -5.20 -28.46 28.52
C ARG A 104 -3.71 -28.64 28.29
N ILE A 105 -3.32 -29.91 28.12
CA ILE A 105 -1.94 -30.39 28.00
C ILE A 105 -0.93 -29.75 28.98
N SER A 106 -0.86 -30.37 30.17
CA SER A 106 0.12 -30.06 31.23
C SER A 106 0.39 -28.59 31.53
N LYS A 107 0.89 -28.33 32.74
CA LYS A 107 1.42 -27.03 33.09
C LYS A 107 2.78 -26.89 32.43
N ASP A 108 2.80 -27.06 31.09
CA ASP A 108 3.93 -26.69 30.22
C ASP A 108 4.17 -27.48 28.91
N GLU A 109 3.08 -27.84 28.23
CA GLU A 109 3.15 -27.97 26.76
C GLU A 109 3.15 -26.53 26.23
N VAL A 110 2.26 -25.72 26.81
CA VAL A 110 2.40 -24.27 26.81
C VAL A 110 3.75 -24.04 27.49
N GLU A 111 4.44 -22.94 27.17
CA GLU A 111 5.85 -22.78 27.57
C GLU A 111 6.75 -23.32 26.47
N LYS A 112 6.52 -24.56 26.06
CA LYS A 112 7.21 -25.14 24.92
C LYS A 112 6.69 -24.51 23.64
N ARG A 113 5.38 -24.38 23.57
CA ARG A 113 4.71 -23.73 22.46
C ARG A 113 4.97 -22.22 22.44
N VAL A 114 5.10 -21.64 23.63
CA VAL A 114 5.31 -20.21 23.81
C VAL A 114 6.77 -19.83 23.54
N VAL A 115 7.71 -20.58 24.11
CA VAL A 115 9.14 -20.35 23.87
C VAL A 115 9.48 -20.58 22.40
N GLU A 116 8.88 -21.61 21.80
CA GLU A 116 9.05 -21.95 20.38
C GLU A 116 8.73 -20.74 19.49
N ILE A 117 7.53 -20.19 19.64
CA ILE A 117 7.14 -18.98 18.90
C ILE A 117 7.96 -17.74 19.26
N ALA A 118 8.20 -17.55 20.57
CA ALA A 118 9.01 -16.45 21.05
C ALA A 118 10.41 -16.47 20.44
N ARG A 119 11.01 -17.66 20.34
CA ARG A 119 12.34 -17.78 19.74
C ARG A 119 12.31 -17.38 18.27
N LYS A 120 11.31 -17.86 17.54
CA LYS A 120 11.14 -17.44 16.14
C LYS A 120 11.06 -15.92 16.01
N LEU A 121 10.40 -15.29 16.97
CA LEU A 121 10.15 -13.84 16.93
C LEU A 121 11.24 -13.03 17.64
N LEU A 122 12.29 -13.72 18.12
CA LEU A 122 13.45 -13.09 18.78
C LEU A 122 13.07 -12.30 20.04
N ILE A 123 12.19 -12.88 20.84
CA ILE A 123 11.70 -12.27 22.08
C ILE A 123 11.71 -13.27 23.23
N ASP A 124 12.32 -14.44 23.00
CA ASP A 124 12.41 -15.47 24.04
C ASP A 124 13.22 -14.98 25.26
N ASN A 125 14.08 -14.00 25.03
CA ASN A 125 14.82 -13.34 26.11
C ASN A 125 14.03 -12.23 26.82
N LEU A 126 12.72 -12.15 26.53
CA LEU A 126 11.86 -11.14 27.14
C LEU A 126 10.67 -11.74 27.87
N LEU A 127 10.61 -13.07 27.91
CA LEU A 127 9.45 -13.83 28.40
C LEU A 127 9.02 -13.57 29.86
N ASP A 128 9.99 -13.30 30.73
CA ASP A 128 9.69 -13.14 32.16
C ASP A 128 9.38 -11.66 32.51
N ARG A 129 9.57 -10.79 31.52
CA ARG A 129 9.27 -9.36 31.68
C ARG A 129 7.79 -9.07 31.40
N LYS A 130 7.41 -7.81 31.67
CA LYS A 130 6.03 -7.35 31.50
C LYS A 130 6.01 -6.20 30.48
N PRO A 131 4.87 -6.01 29.76
CA PRO A 131 4.74 -5.05 28.63
C PRO A 131 5.22 -3.61 28.82
N THR A 132 5.10 -3.06 30.02
CA THR A 132 5.53 -1.67 30.27
C THR A 132 7.01 -1.43 29.97
N GLN A 133 7.84 -2.42 30.26
CA GLN A 133 9.29 -2.28 30.06
C GLN A 133 9.73 -2.64 28.62
N LEU A 134 8.73 -2.94 27.78
CA LEU A 134 8.96 -3.27 26.38
C LEU A 134 8.80 -2.06 25.46
N SER A 135 9.64 -1.99 24.42
CA SER A 135 9.50 -0.99 23.35
C SER A 135 8.31 -1.32 22.46
N GLY A 136 7.99 -0.39 21.54
CA GLY A 136 6.86 -0.54 20.61
C GLY A 136 7.05 -1.69 19.63
N GLY A 137 8.28 -1.81 19.11
CA GLY A 137 8.67 -2.94 18.24
C GLY A 137 8.56 -4.27 18.97
N GLN A 138 8.99 -4.31 20.22
CA GLN A 138 8.92 -5.54 21.01
C GLN A 138 7.47 -5.91 21.36
N GLN A 139 6.65 -4.92 21.66
CA GLN A 139 5.24 -5.16 21.97
C GLN A 139 4.48 -5.72 20.77
N GLN A 140 4.79 -5.18 19.59
CA GLN A 140 4.25 -5.67 18.32
CA GLN A 140 4.25 -5.65 18.32
C GLN A 140 4.58 -7.13 18.11
N ARG A 141 5.79 -7.54 18.50
CA ARG A 141 6.24 -8.93 18.36
C ARG A 141 5.51 -9.83 19.36
N VAL A 142 5.23 -9.33 20.55
CA VAL A 142 4.45 -10.12 21.52
C VAL A 142 3.04 -10.40 20.99
N ALA A 143 2.38 -9.36 20.48
CA ALA A 143 1.04 -9.46 19.90
C ALA A 143 1.01 -10.47 18.74
N LEU A 144 2.01 -10.42 17.87
CA LEU A 144 2.12 -11.36 16.76
C LEU A 144 2.42 -12.80 17.23
N ALA A 145 3.35 -12.95 18.17
CA ALA A 145 3.55 -14.23 18.86
C ALA A 145 2.24 -14.80 19.42
N ARG A 146 1.45 -13.95 20.07
CA ARG A 146 0.15 -14.38 20.60
C ARG A 146 -0.82 -14.87 19.52
N ALA A 147 -0.86 -14.20 18.37
CA ALA A 147 -1.69 -14.61 17.24
C ALA A 147 -1.21 -15.94 16.66
N LEU A 148 0.11 -16.10 16.55
CA LEU A 148 0.69 -17.28 15.90
C LEU A 148 0.65 -18.54 16.72
N VAL A 149 0.51 -18.40 18.03
CA VAL A 149 0.52 -19.54 18.94
C VAL A 149 -0.76 -20.39 18.78
N LYS A 150 -1.81 -19.81 18.22
CA LYS A 150 -3.03 -20.54 17.91
C LYS A 150 -2.91 -21.32 16.60
N GLN A 151 -1.76 -21.20 15.95
CA GLN A 151 -1.45 -21.83 14.66
C GLN A 151 -2.51 -21.53 13.58
N PRO A 152 -2.70 -20.24 13.25
CA PRO A 152 -3.63 -19.91 12.18
C PRO A 152 -3.06 -20.38 10.84
N LYS A 153 -3.96 -20.65 9.89
CA LYS A 153 -3.62 -21.02 8.53
C LYS A 153 -3.64 -19.78 7.64
N VAL A 154 -4.34 -18.75 8.11
CA VAL A 154 -4.46 -17.49 7.40
C VAL A 154 -4.24 -16.35 8.41
N LEU A 155 -3.37 -15.40 8.07
CA LEU A 155 -3.16 -14.23 8.92
C LEU A 155 -3.86 -13.02 8.30
N LEU A 156 -4.67 -12.31 9.07
CA LEU A 156 -5.33 -11.10 8.53
C LEU A 156 -4.89 -9.86 9.30
N PHE A 157 -4.10 -9.02 8.66
CA PHE A 157 -3.57 -7.83 9.32
C PHE A 157 -4.45 -6.64 9.00
N ASP A 158 -4.82 -5.91 10.04
CA ASP A 158 -5.56 -4.66 9.87
C ASP A 158 -4.76 -3.47 10.43
N GLU A 159 -4.11 -2.75 9.53
CA GLU A 159 -3.29 -1.58 9.88
C GLU A 159 -2.43 -1.81 11.15
N PRO A 160 -1.68 -2.93 11.21
CA PRO A 160 -1.05 -3.28 12.47
C PRO A 160 0.13 -2.39 12.91
N LEU A 161 0.59 -1.50 12.02
CA LEU A 161 1.73 -0.61 12.31
C LEU A 161 1.33 0.85 12.52
N SER A 162 0.05 1.15 12.39
CA SER A 162 -0.44 2.54 12.35
C SER A 162 -0.25 3.34 13.64
N ASN A 163 -0.23 2.67 14.78
CA ASN A 163 -0.02 3.51 16.01
CA ASN A 163 0.02 3.35 16.06
C ASN A 163 1.52 3.55 16.35
N LEU A 164 2.34 2.89 15.54
CA LEU A 164 3.79 2.95 15.69
C LEU A 164 4.30 4.27 15.15
N ASP A 165 5.28 4.83 15.85
CA ASP A 165 5.84 6.05 15.30
CA ASP A 165 6.00 6.01 15.37
C ASP A 165 6.51 5.80 13.95
N ALA A 166 6.46 6.85 13.15
CA ALA A 166 6.88 6.85 11.74
C ALA A 166 8.25 6.23 11.37
N ASN A 167 9.29 6.51 12.14
CA ASN A 167 10.62 5.92 11.89
C ASN A 167 10.63 4.39 12.06
N LEU A 168 9.88 3.95 13.07
CA LEU A 168 9.76 2.54 13.41
C LEU A 168 8.97 1.75 12.36
N ARG A 169 8.06 2.41 11.67
CA ARG A 169 7.24 1.76 10.66
C ARG A 169 8.11 1.18 9.54
N MET A 170 9.19 1.87 9.16
CA MET A 170 10.09 1.37 8.12
C MET A 170 10.76 0.06 8.56
N ILE A 171 11.26 0.06 9.79
CA ILE A 171 11.87 -1.12 10.39
C ILE A 171 10.86 -2.28 10.54
N MET A 172 9.66 -1.95 11.01
CA MET A 172 8.70 -2.99 11.37
C MET A 172 8.02 -3.63 10.17
N ARG A 173 7.84 -2.88 9.08
CA ARG A 173 7.29 -3.49 7.88
C ARG A 173 8.24 -4.46 7.16
N ALA A 174 9.56 -4.19 7.23
CA ALA A 174 10.56 -5.15 6.73
C ALA A 174 10.51 -6.40 7.59
N GLU A 175 10.35 -6.19 8.89
CA GLU A 175 10.26 -7.31 9.83
C GLU A 175 9.08 -8.24 9.60
N ILE A 176 7.89 -7.66 9.43
CA ILE A 176 6.70 -8.48 9.21
C ILE A 176 6.83 -9.16 7.84
N LYS A 177 7.39 -8.46 6.86
CA LYS A 177 7.61 -9.05 5.53
C LYS A 177 8.48 -10.33 5.64
N HIS A 178 9.62 -10.22 6.32
CA HIS A 178 10.54 -11.36 6.45
C HIS A 178 9.94 -12.50 7.27
N LEU A 179 9.24 -12.15 8.34
CA LEU A 179 8.54 -13.13 9.15
C LEU A 179 7.52 -13.93 8.34
N GLN A 180 6.65 -13.22 7.60
CA GLN A 180 5.64 -13.88 6.76
C GLN A 180 6.30 -14.80 5.72
N GLN A 181 7.38 -14.33 5.08
CA GLN A 181 8.19 -15.14 4.16
C GLN A 181 8.55 -16.48 4.80
N GLU A 182 9.06 -16.42 6.03
CA GLU A 182 9.55 -17.61 6.76
C GLU A 182 8.48 -18.55 7.30
N LEU A 183 7.35 -18.00 7.72
CA LEU A 183 6.28 -18.84 8.24
C LEU A 183 5.48 -19.47 7.09
N GLY A 184 5.49 -18.80 5.94
CA GLY A 184 4.76 -19.31 4.76
C GLY A 184 3.25 -19.38 4.92
N ILE A 185 2.70 -18.58 5.86
CA ILE A 185 1.24 -18.53 6.11
C ILE A 185 0.61 -17.45 5.23
N THR A 186 -0.37 -17.85 4.42
CA THR A 186 -1.18 -16.93 3.61
C THR A 186 -1.59 -15.71 4.43
N SER A 187 -1.30 -14.53 3.89
CA SER A 187 -1.50 -13.28 4.61
C SER A 187 -2.15 -12.21 3.76
N VAL A 188 -3.19 -11.59 4.29
CA VAL A 188 -3.85 -10.45 3.65
C VAL A 188 -3.77 -9.23 4.62
N TYR A 189 -3.37 -8.08 4.09
CA TYR A 189 -2.90 -6.94 4.90
C TYR A 189 -3.59 -5.65 4.45
N VAL A 190 -4.41 -5.09 5.35
CA VAL A 190 -5.16 -3.86 5.09
C VAL A 190 -4.37 -2.61 5.50
N THR A 191 -4.18 -1.71 4.54
CA THR A 191 -3.45 -0.48 4.82
C THR A 191 -3.90 0.65 3.91
N HIS A 192 -3.94 1.86 4.46
CA HIS A 192 -4.15 3.08 3.68
C HIS A 192 -2.82 3.65 3.21
N ASP A 193 -1.71 3.06 3.65
CA ASP A 193 -0.37 3.58 3.32
C ASP A 193 0.28 2.82 2.15
N GLN A 194 0.42 3.50 1.01
CA GLN A 194 1.04 2.88 -0.16
C GLN A 194 2.47 2.35 0.08
N ALA A 195 3.26 3.02 0.93
CA ALA A 195 4.67 2.60 1.13
C ALA A 195 4.69 1.22 1.76
N GLU A 196 3.75 1.02 2.69
CA GLU A 196 3.57 -0.25 3.35
C GLU A 196 3.17 -1.37 2.40
N ALA A 197 2.13 -1.17 1.59
CA ALA A 197 1.78 -2.16 0.55
C ALA A 197 2.94 -2.38 -0.45
N MET A 198 3.58 -1.31 -0.88
CA MET A 198 4.60 -1.40 -1.93
C MET A 198 5.84 -2.22 -1.51
N THR A 199 6.24 -2.07 -0.27
CA THR A 199 7.44 -2.72 0.25
C THR A 199 7.22 -4.10 0.88
N MET A 200 5.98 -4.47 1.20
CA MET A 200 5.71 -5.75 1.88
C MET A 200 5.05 -6.84 1.00
N ALA A 201 4.16 -6.43 0.11
CA ALA A 201 3.26 -7.41 -0.54
C ALA A 201 3.82 -7.98 -1.84
N SER A 202 3.41 -9.21 -2.14
CA SER A 202 3.63 -9.83 -3.46
C SER A 202 2.73 -9.19 -4.52
N ARG A 203 1.45 -9.04 -4.18
CA ARG A 203 0.48 -8.36 -5.02
C ARG A 203 -0.38 -7.42 -4.18
N ILE A 204 -0.82 -6.32 -4.79
CA ILE A 204 -1.58 -5.30 -4.10
C ILE A 204 -2.91 -5.16 -4.82
N ALA A 205 -4.01 -5.29 -4.07
CA ALA A 205 -5.37 -5.01 -4.56
C ALA A 205 -5.71 -3.58 -4.22
N VAL A 206 -5.86 -2.75 -5.25
CA VAL A 206 -6.03 -1.31 -5.01
C VAL A 206 -7.53 -1.03 -5.10
N PHE A 207 -8.09 -0.55 -3.99
CA PHE A 207 -9.51 -0.30 -3.87
C PHE A 207 -9.85 1.18 -3.98
N ASN A 208 -11.03 1.46 -4.52
CA ASN A 208 -11.56 2.81 -4.53
C ASN A 208 -13.08 2.70 -4.56
N GLN A 209 -13.71 3.24 -3.52
CA GLN A 209 -15.17 3.35 -3.44
C GLN A 209 -15.90 2.03 -3.67
N GLY A 210 -15.35 0.97 -3.08
CA GLY A 210 -15.97 -0.34 -3.12
C GLY A 210 -15.65 -1.20 -4.31
N LYS A 211 -14.81 -0.68 -5.21
CA LYS A 211 -14.40 -1.42 -6.40
C LYS A 211 -12.92 -1.80 -6.32
N LEU A 212 -12.58 -2.98 -6.83
CA LEU A 212 -11.19 -3.34 -7.08
C LEU A 212 -10.73 -2.73 -8.41
N VAL A 213 -9.97 -1.64 -8.32
CA VAL A 213 -9.48 -0.89 -9.49
C VAL A 213 -8.38 -1.65 -10.26
N GLN A 214 -7.43 -2.19 -9.51
CA GLN A 214 -6.30 -2.89 -10.13
C GLN A 214 -5.73 -3.84 -9.10
N TYR A 215 -5.29 -5.01 -9.56
CA TYR A 215 -4.69 -6.01 -8.71
C TYR A 215 -3.37 -6.42 -9.36
N GLY A 216 -2.24 -6.12 -8.74
CA GLY A 216 -0.97 -6.51 -9.35
C GLY A 216 0.21 -6.38 -8.42
N THR A 217 1.40 -6.71 -8.93
CA THR A 217 2.64 -6.56 -8.17
C THR A 217 2.95 -5.08 -7.97
N PRO A 218 3.81 -4.75 -6.98
CA PRO A 218 4.26 -3.38 -6.81
C PRO A 218 4.76 -2.73 -8.10
N ASP A 219 5.57 -3.45 -8.89
CA ASP A 219 6.05 -2.97 -10.19
C ASP A 219 4.90 -2.66 -11.15
N GLU A 220 3.91 -3.55 -11.21
CA GLU A 220 2.77 -3.40 -12.11
C GLU A 220 1.92 -2.17 -11.80
N VAL A 221 1.51 -2.03 -10.53
CA VAL A 221 0.67 -0.90 -10.15
C VAL A 221 1.42 0.44 -10.24
N TYR A 222 2.74 0.36 -10.14
CA TYR A 222 3.58 1.55 -10.24
C TYR A 222 3.86 1.89 -11.71
N ASP A 223 4.39 0.93 -12.46
CA ASP A 223 4.75 1.11 -13.88
C ASP A 223 3.53 1.33 -14.77
N SER A 224 2.46 0.57 -14.52
CA SER A 224 1.29 0.58 -15.39
C SER A 224 0.03 0.83 -14.58
N PRO A 225 -0.16 2.06 -14.05
CA PRO A 225 -1.40 2.30 -13.33
C PRO A 225 -2.58 2.24 -14.29
N LYS A 226 -3.69 1.65 -13.84
CA LYS A 226 -4.87 1.47 -14.69
C LYS A 226 -5.47 2.82 -15.10
N ASN A 227 -5.42 3.77 -14.17
CA ASN A 227 -6.05 5.07 -14.36
C ASN A 227 -5.38 6.11 -13.49
N MET A 228 -5.87 7.35 -13.58
CA MET A 228 -5.36 8.46 -12.77
C MET A 228 -5.43 8.20 -11.27
N PHE A 229 -6.51 7.59 -10.79
CA PHE A 229 -6.59 7.24 -9.37
C PHE A 229 -5.39 6.38 -8.89
N VAL A 230 -5.09 5.28 -9.59
CA VAL A 230 -3.91 4.44 -9.27
C VAL A 230 -2.58 5.23 -9.35
N ALA A 231 -2.42 6.08 -10.37
CA ALA A 231 -1.24 6.94 -10.49
C ALA A 231 -1.11 7.94 -9.33
N SER A 232 -2.24 8.38 -8.81
CA SER A 232 -2.29 9.32 -7.70
C SER A 232 -2.07 8.67 -6.34
N PHE A 233 -2.19 7.35 -6.25
CA PHE A 233 -2.17 6.70 -4.93
C PHE A 233 -0.86 5.96 -4.64
N ILE A 234 -0.14 5.62 -5.70
CA ILE A 234 1.11 4.89 -5.54
C ILE A 234 2.27 5.87 -5.64
N GLY A 235 3.20 5.75 -4.71
CA GLY A 235 4.37 6.62 -4.63
C GLY A 235 4.13 7.74 -3.64
N ASN A 236 5.23 8.20 -3.04
CA ASN A 236 5.19 9.35 -2.16
C ASN A 236 6.40 10.26 -2.44
N PRO A 237 6.18 11.38 -3.15
CA PRO A 237 4.89 11.84 -3.69
C PRO A 237 4.39 10.99 -4.87
N PRO A 238 3.07 11.01 -5.13
CA PRO A 238 2.50 10.27 -6.25
C PRO A 238 2.69 11.01 -7.60
N THR A 239 2.01 10.56 -8.64
CA THR A 239 2.12 11.18 -9.97
C THR A 239 1.59 12.62 -9.94
N ASN A 240 2.31 13.53 -10.60
CA ASN A 240 1.83 14.89 -10.83
C ASN A 240 1.00 14.85 -12.10
N PHE A 241 -0.20 15.44 -12.06
CA PHE A 241 -1.07 15.54 -13.24
C PHE A 241 -1.08 16.96 -13.85
N LEU A 242 -0.94 17.03 -15.17
CA LEU A 242 -0.98 18.32 -15.87
C LEU A 242 -2.01 18.18 -16.95
N ARG A 243 -3.13 18.89 -16.79
CA ARG A 243 -4.28 18.69 -17.68
C ARG A 243 -4.21 19.61 -18.88
N ASP A 244 -5.05 19.33 -19.87
CA ASP A 244 -5.32 20.24 -21.01
C ASP A 244 -4.19 20.29 -22.04
N PHE A 245 -3.49 19.18 -22.22
CA PHE A 245 -2.47 19.09 -23.27
C PHE A 245 -3.09 18.64 -24.59
N SER A 246 -2.84 19.42 -25.64
CA SER A 246 -3.34 19.09 -26.99
C SER A 246 -2.35 18.19 -27.71
N VAL A 247 -2.91 17.23 -28.46
CA VAL A 247 -2.12 16.19 -29.11
C VAL A 247 -2.17 16.35 -30.64
N SER A 248 -1.00 16.22 -31.26
CA SER A 248 -0.90 16.15 -32.72
C SER A 248 0.25 15.27 -33.15
N VAL A 249 0.32 15.04 -34.47
CA VAL A 249 1.45 14.36 -35.09
C VAL A 249 2.08 15.37 -36.03
N GLU A 250 3.38 15.59 -35.86
CA GLU A 250 4.16 16.36 -36.81
C GLU A 250 5.37 15.51 -37.17
N ASN A 251 5.50 15.18 -38.46
CA ASN A 251 6.66 14.44 -38.96
C ASN A 251 6.86 13.12 -38.21
N LYS A 252 5.80 12.32 -38.16
CA LYS A 252 5.80 10.99 -37.52
C LYS A 252 5.88 11.01 -36.00
N GLN A 253 6.20 12.17 -35.42
CA GLN A 253 6.34 12.23 -33.96
C GLN A 253 5.12 12.84 -33.28
N THR A 254 4.85 12.38 -32.06
CA THR A 254 3.67 12.80 -31.30
C THR A 254 3.99 14.00 -30.42
N ILE A 255 3.25 15.09 -30.65
CA ILE A 255 3.54 16.36 -30.02
C ILE A 255 2.45 16.66 -29.00
N LEU A 256 2.88 17.19 -27.85
CA LEU A 256 1.97 17.64 -26.81
C LEU A 256 2.17 19.12 -26.60
N LYS A 257 1.06 19.85 -26.68
CA LYS A 257 1.08 21.31 -26.55
C LYS A 257 0.05 21.84 -25.56
N ARG A 258 0.46 22.83 -24.77
CA ARG A 258 -0.44 23.57 -23.90
C ARG A 258 0.11 24.99 -23.75
N ASP A 259 -0.61 25.96 -24.31
CA ASP A 259 -0.12 27.32 -24.44
C ASP A 259 1.28 27.38 -25.08
N ASP A 260 2.26 27.93 -24.37
CA ASP A 260 3.64 28.04 -24.88
C ASP A 260 4.44 26.73 -24.81
N VAL A 261 3.94 25.77 -24.04
CA VAL A 261 4.67 24.54 -23.74
C VAL A 261 4.52 23.53 -24.87
N ILE A 262 5.66 23.09 -25.38
CA ILE A 262 5.73 22.12 -26.46
C ILE A 262 6.56 20.94 -25.97
N ILE A 263 5.99 19.74 -26.08
CA ILE A 263 6.70 18.52 -25.72
C ILE A 263 6.57 17.51 -26.85
N LYS A 264 7.71 17.25 -27.49
CA LYS A 264 7.80 16.26 -28.53
C LYS A 264 8.28 14.96 -27.88
N LEU A 265 7.46 13.92 -27.97
CA LEU A 265 7.83 12.61 -27.48
C LEU A 265 8.94 12.05 -28.38
N PRO A 266 9.95 11.39 -27.81
CA PRO A 266 11.13 10.97 -28.58
C PRO A 266 10.82 9.92 -29.67
N GLU A 267 10.11 8.87 -29.29
CA GLU A 267 9.80 7.80 -30.21
C GLU A 267 8.33 7.89 -30.62
N PRO A 268 8.00 7.49 -31.87
CA PRO A 268 6.60 7.39 -32.27
C PRO A 268 5.74 6.62 -31.26
N VAL A 269 4.65 7.28 -30.84
CA VAL A 269 3.65 6.72 -29.93
C VAL A 269 2.29 6.95 -30.57
N ASP A 270 1.41 5.95 -30.49
CA ASP A 270 0.06 6.15 -31.01
C ASP A 270 -0.86 6.66 -29.90
N VAL A 271 -1.22 7.93 -30.01
CA VAL A 271 -2.14 8.58 -29.09
C VAL A 271 -3.38 8.96 -29.89
N LYS A 272 -4.52 8.39 -29.53
CA LYS A 272 -5.75 8.49 -30.32
C LYS A 272 -6.69 9.63 -29.88
N LEU A 273 -6.28 10.36 -28.86
CA LEU A 273 -7.06 11.49 -28.37
C LEU A 273 -6.43 12.80 -28.83
N LYS A 274 -7.24 13.85 -28.85
CA LYS A 274 -6.79 15.22 -29.15
C LYS A 274 -6.37 15.95 -27.88
N GLU A 275 -6.92 15.50 -26.75
CA GLU A 275 -6.68 16.12 -25.45
C GLU A 275 -6.32 15.07 -24.39
N VAL A 276 -5.27 15.34 -23.63
CA VAL A 276 -4.81 14.38 -22.63
C VAL A 276 -4.39 15.04 -21.32
N VAL A 277 -4.38 14.23 -20.27
CA VAL A 277 -3.71 14.59 -19.04
C VAL A 277 -2.31 13.97 -19.10
N VAL A 278 -1.32 14.77 -18.75
CA VAL A 278 0.06 14.34 -18.64
C VAL A 278 0.31 13.97 -17.19
N GLY A 279 0.95 12.83 -16.98
CA GLY A 279 1.39 12.42 -15.64
C GLY A 279 2.89 12.34 -15.56
N ILE A 280 3.47 13.06 -14.59
CA ILE A 280 4.91 13.10 -14.37
C ILE A 280 5.21 12.72 -12.91
N ARG A 281 5.86 11.57 -12.70
CA ARG A 281 6.31 11.17 -11.36
C ARG A 281 7.50 12.04 -10.90
N PRO A 282 7.53 12.42 -9.61
CA PRO A 282 8.60 13.22 -8.96
C PRO A 282 10.01 12.72 -9.26
N GLU A 283 10.21 11.40 -9.20
CA GLU A 283 11.52 10.77 -9.46
C GLU A 283 11.90 10.66 -10.94
N HIS A 284 10.94 10.91 -11.83
CA HIS A 284 11.17 10.90 -13.29
C HIS A 284 11.16 12.31 -13.90
N CYS A 285 11.63 13.28 -13.13
CA CYS A 285 11.65 14.67 -13.55
C CYS A 285 12.84 15.39 -12.97
N ARG A 286 13.41 16.28 -13.75
CA ARG A 286 14.57 17.06 -13.34
C ARG A 286 14.23 18.54 -13.38
N ILE A 287 14.95 19.31 -12.57
CA ILE A 287 14.85 20.75 -12.58
C ILE A 287 16.06 21.31 -13.32
N SER A 288 15.81 22.08 -14.36
CA SER A 288 16.88 22.82 -15.03
C SER A 288 16.70 24.31 -14.78
N ARG A 289 17.77 24.98 -14.36
CA ARG A 289 17.78 26.43 -14.20
C ARG A 289 17.75 27.12 -15.57
N GLU A 290 18.24 26.39 -16.58
CA GLU A 290 18.36 26.84 -17.97
C GLU A 290 17.19 26.32 -18.83
N ARG A 291 16.76 27.14 -19.78
CA ARG A 291 15.70 26.77 -20.71
C ARG A 291 16.17 25.68 -21.69
N VAL A 292 15.53 24.51 -21.63
CA VAL A 292 15.87 23.40 -22.53
C VAL A 292 14.61 22.94 -23.27
N GLU A 293 14.80 22.12 -24.30
CA GLU A 293 13.70 21.59 -25.10
C GLU A 293 12.79 20.68 -24.24
N ASN A 294 11.50 20.64 -24.56
CA ASN A 294 10.55 19.72 -23.95
C ASN A 294 10.39 19.92 -22.44
N SER A 295 10.60 21.16 -21.99
CA SER A 295 10.56 21.49 -20.58
C SER A 295 9.31 22.32 -20.24
N ILE A 296 9.01 22.42 -18.94
CA ILE A 296 7.85 23.19 -18.48
C ILE A 296 8.33 24.24 -17.51
N PRO A 297 8.11 25.53 -17.84
CA PRO A 297 8.52 26.64 -16.96
C PRO A 297 7.78 26.67 -15.62
N GLY A 298 8.50 27.07 -14.59
CA GLY A 298 7.90 27.28 -13.28
C GLY A 298 8.79 28.07 -12.35
N VAL A 299 8.25 28.35 -11.17
CA VAL A 299 9.05 28.91 -10.11
C VAL A 299 9.22 27.86 -9.01
N VAL A 300 10.37 27.85 -8.35
CA VAL A 300 10.51 27.09 -7.11
C VAL A 300 9.59 27.78 -6.08
N TYR A 301 8.59 27.03 -5.61
CA TYR A 301 7.58 27.58 -4.69
C TYR A 301 7.96 27.37 -3.25
N VAL A 302 8.23 26.13 -2.86
CA VAL A 302 8.66 25.77 -1.52
C VAL A 302 9.43 24.45 -1.56
N VAL A 303 10.37 24.30 -0.64
CA VAL A 303 11.20 23.10 -0.56
C VAL A 303 11.05 22.51 0.83
N GLU A 304 10.68 21.22 0.86
CA GLU A 304 10.40 20.57 2.13
C GLU A 304 11.13 19.24 2.26
N PRO A 305 11.42 18.82 3.51
CA PRO A 305 11.97 17.49 3.67
C PRO A 305 10.90 16.43 3.41
N LEU A 306 11.30 15.27 2.91
CA LEU A 306 10.44 14.09 2.89
C LEU A 306 11.36 12.92 3.21
N GLY A 307 11.23 12.39 4.42
CA GLY A 307 12.15 11.37 4.90
C GLY A 307 13.57 11.85 4.76
N ARG A 308 14.38 11.04 4.10
CA ARG A 308 15.82 11.27 3.93
C ARG A 308 16.09 12.18 2.72
N ASP A 309 15.02 12.50 1.99
CA ASP A 309 15.13 13.26 0.75
C ASP A 309 14.54 14.67 0.89
N ILE A 310 14.69 15.50 -0.14
CA ILE A 310 14.01 16.79 -0.18
C ILE A 310 13.08 16.83 -1.38
N ILE A 311 11.91 17.44 -1.20
CA ILE A 311 10.99 17.66 -2.30
C ILE A 311 11.02 19.12 -2.67
N VAL A 312 11.16 19.35 -3.97
CA VAL A 312 11.10 20.69 -4.51
C VAL A 312 9.74 20.84 -5.18
N ASN A 313 8.92 21.73 -4.62
CA ASN A 313 7.60 22.04 -5.17
C ASN A 313 7.75 23.16 -6.18
N VAL A 314 7.45 22.85 -7.44
CA VAL A 314 7.54 23.85 -8.49
C VAL A 314 6.15 24.27 -8.93
N LYS A 315 5.95 25.59 -8.94
CA LYS A 315 4.68 26.13 -9.40
C LYS A 315 4.74 26.54 -10.87
N THR A 316 3.80 26.01 -11.66
CA THR A 316 3.70 26.33 -13.06
C THR A 316 2.85 27.60 -13.26
N GLU A 317 2.96 28.18 -14.46
CA GLU A 317 2.15 29.34 -14.82
C GLU A 317 0.62 29.05 -14.77
N LYS A 318 0.22 27.77 -14.86
CA LYS A 318 -1.19 27.37 -14.65
C LYS A 318 -1.58 27.12 -13.19
N GLY A 319 -0.67 27.41 -12.27
CA GLY A 319 -0.98 27.31 -10.85
C GLY A 319 -0.91 25.91 -10.27
N GLU A 320 -0.42 24.96 -11.07
CA GLU A 320 -0.17 23.59 -10.58
C GLU A 320 1.05 23.60 -9.67
N ILE A 321 1.05 22.67 -8.73
CA ILE A 321 2.25 22.41 -7.93
C ILE A 321 2.81 21.09 -8.41
N ILE A 322 4.04 21.12 -8.94
CA ILE A 322 4.70 19.91 -9.44
C ILE A 322 5.83 19.54 -8.48
N LYS A 323 5.72 18.36 -7.89
CA LYS A 323 6.70 17.87 -6.92
C LYS A 323 7.79 17.07 -7.61
N VAL A 324 9.05 17.40 -7.27
CA VAL A 324 10.25 16.79 -7.84
C VAL A 324 11.26 16.54 -6.71
N PHE A 325 12.03 15.46 -6.76
CA PHE A 325 13.10 15.26 -5.78
C PHE A 325 14.29 16.19 -6.03
N GLY A 326 14.84 16.72 -4.95
CA GLY A 326 15.98 17.61 -5.02
C GLY A 326 17.26 16.80 -4.92
N ASP A 327 17.93 16.60 -6.04
CA ASP A 327 19.05 15.67 -6.07
C ASP A 327 20.37 16.26 -5.55
N THR A 328 21.29 16.69 -6.42
CA THR A 328 22.63 17.05 -5.92
C THR A 328 22.76 18.49 -5.39
N GLY A 329 23.54 19.34 -6.08
CA GLY A 329 23.95 20.66 -5.55
C GLY A 329 23.47 20.85 -4.13
N LYS A 330 22.38 21.60 -4.01
CA LYS A 330 21.53 21.62 -2.82
CA LYS A 330 21.56 21.68 -2.80
C LYS A 330 20.27 22.38 -3.19
N ALA A 331 19.26 22.29 -2.32
CA ALA A 331 17.96 22.92 -2.51
C ALA A 331 18.03 24.21 -3.31
N PRO A 332 17.25 24.31 -4.40
CA PRO A 332 17.05 25.61 -5.02
C PRO A 332 16.33 26.51 -4.02
N GLN A 333 16.26 27.81 -4.32
CA GLN A 333 15.61 28.74 -3.41
C GLN A 333 14.25 29.18 -3.95
N PRO A 334 13.27 29.41 -3.05
CA PRO A 334 11.97 29.94 -3.48
C PRO A 334 12.14 31.21 -4.34
N GLY A 335 11.43 31.25 -5.45
CA GLY A 335 11.47 32.42 -6.34
C GLY A 335 12.32 32.20 -7.58
N GLU A 336 13.15 31.16 -7.55
CA GLU A 336 13.96 30.82 -8.71
C GLU A 336 13.13 30.33 -9.88
N ASN A 337 13.37 30.94 -11.03
CA ASN A 337 12.73 30.48 -12.25
C ASN A 337 13.51 29.29 -12.80
N VAL A 338 12.78 28.21 -13.05
CA VAL A 338 13.37 26.93 -13.39
C VAL A 338 12.52 26.32 -14.51
N PHE A 339 12.95 25.16 -15.01
CA PHE A 339 12.26 24.45 -16.07
C PHE A 339 12.16 22.98 -15.67
N LEU A 340 10.94 22.46 -15.69
CA LEU A 340 10.69 21.05 -15.38
C LEU A 340 11.03 20.25 -16.63
N VAL A 341 11.97 19.32 -16.48
CA VAL A 341 12.37 18.45 -17.59
C VAL A 341 11.92 17.01 -17.27
N PRO A 342 10.72 16.63 -17.72
CA PRO A 342 10.30 15.24 -17.51
C PRO A 342 11.13 14.23 -18.34
N ASP A 343 11.40 13.07 -17.72
CA ASP A 343 11.90 11.92 -18.46
C ASP A 343 10.78 11.45 -19.38
N LEU A 344 10.92 11.79 -20.66
CA LEU A 344 9.90 11.54 -21.67
C LEU A 344 9.60 10.08 -21.97
N ARG A 345 10.44 9.17 -21.46
CA ARG A 345 10.18 7.75 -21.58
C ARG A 345 9.31 7.19 -20.45
N LYS A 346 9.23 7.93 -19.34
CA LYS A 346 8.48 7.50 -18.17
C LYS A 346 7.19 8.30 -17.97
N ILE A 347 6.91 9.21 -18.90
CA ILE A 347 5.70 10.03 -18.90
C ILE A 347 4.46 9.15 -19.08
N HIS A 348 3.40 9.49 -18.36
CA HIS A 348 2.12 8.83 -18.55
C HIS A 348 1.16 9.80 -19.21
N LEU A 349 0.17 9.24 -19.91
CA LEU A 349 -0.91 10.01 -20.51
C LEU A 349 -2.24 9.37 -20.15
N PHE A 350 -3.23 10.21 -19.89
CA PHE A 350 -4.53 9.74 -19.45
C PHE A 350 -5.67 10.37 -20.25
N ASN A 351 -6.74 9.59 -20.45
CA ASN A 351 -8.00 10.11 -20.94
C ASN A 351 -8.59 11.08 -19.92
N PRO A 352 -8.76 12.36 -20.31
CA PRO A 352 -9.33 13.35 -19.39
C PRO A 352 -10.76 13.05 -18.92
N GLU A 353 -11.53 12.35 -19.75
CA GLU A 353 -12.92 11.98 -19.45
C GLU A 353 -13.04 10.79 -18.52
N THR A 354 -12.46 9.66 -18.92
CA THR A 354 -12.59 8.42 -18.17
C THR A 354 -11.46 8.28 -17.15
N GLU A 355 -10.43 9.12 -17.30
CA GLU A 355 -9.20 9.08 -16.48
C GLU A 355 -8.34 7.81 -16.74
N GLU A 356 -8.72 7.03 -17.75
CA GLU A 356 -8.00 5.82 -18.11
C GLU A 356 -6.60 6.14 -18.61
N THR A 357 -5.62 5.35 -18.17
CA THR A 357 -4.24 5.46 -18.66
C THR A 357 -4.20 4.98 -20.10
N ILE A 358 -3.62 5.80 -20.96
CA ILE A 358 -3.51 5.50 -22.38
CA ILE A 358 -3.51 5.44 -22.38
C ILE A 358 -2.06 5.30 -22.82
N LEU A 359 -1.14 5.89 -22.05
CA LEU A 359 0.29 5.69 -22.28
C LEU A 359 0.96 5.50 -20.92
S SO4 B . -11.90 1.22 4.75
O1 SO4 B . -11.01 0.84 5.83
O2 SO4 B . -12.81 2.27 5.16
O3 SO4 B . -11.11 1.76 3.66
O4 SO4 B . -12.71 0.06 4.36
S SO4 C . 13.65 -3.02 19.43
O1 SO4 C . 14.74 -2.49 18.63
O2 SO4 C . 13.21 -2.08 20.45
O3 SO4 C . 12.54 -3.29 18.52
O4 SO4 C . 14.03 -4.24 20.11
C1 PEG D . -5.70 -12.53 34.97
O1 PEG D . -5.37 -11.66 36.04
C2 PEG D . -6.63 -11.78 34.02
O2 PEG D . -7.10 -12.68 33.01
C3 PEG D . -7.81 -11.99 32.00
C4 PEG D . -9.11 -12.72 31.71
O4 PEG D . -10.08 -11.79 31.21
#